data_5LAQ
#
_entry.id   5LAQ
#
_cell.length_a   95.737
_cell.length_b   95.737
_cell.length_c   85.113
_cell.angle_alpha   90.00
_cell.angle_beta   90.00
_cell.angle_gamma   120.00
#
_symmetry.space_group_name_H-M   'P 31 2 1'
#
loop_
_entity.id
_entity.type
_entity.pdbx_description
1 polymer "cAMP-specific 3',5'-cyclic phosphodiesterase 4B,cAMP-specific 3',5'-cyclic phosphodiesterase 4B"
2 non-polymer 'ZINC ION'
3 non-polymer 'MAGNESIUM ION'
4 non-polymer 'ACETATE ION'
5 non-polymer (4~{a}~{S},8~{a}~{R})-2-cycloheptyl-4-[4-methoxy-3-[4-[4-(1~{H}-1,2,3,4-tetrazol-5-yl)phenoxy]butoxy]phenyl]-4~{a},5,8,8~{a}-tetrahydrophthalazin-1-one
6 water water
#
_entity_poly.entity_id   1
_entity_poly.type   'polypeptide(L)'
_entity_poly.pdbx_seq_one_letter_code
;MSVSEMASNKFKRMLNRELTHLSEMSRSGNQVSEYISNTFLDKQNDVEIPKVTAEEAPQPMTQISGVKKLMHSSSLNNTS
ISRFGVNTENEDHLAKELEDLNKWGLNIFNVAGYSHNRPLTCIMYAIFQERDLLKTFRISSDTFITYMMTLEDHYHSDVA
YHNSLHAADVAQSTHVLLSTPALDAVFTDLEILAAIFAAAIHDVDHPGVSNQFLINTNSELALMYNDESVLENHHLAVGF
KLLQEEHCDIFMNLTKKQRQTLRKMVIDMVLATDMSKHMSLLADLKTMVETKKVTSSGVLLLDNYTDRIQVLRNMVHCAD
LSNPTKSLELYRQWTDRIMEEFFQQGDKERERGMEISPMCDKHTASVEKSQVGFIDYIVHPLWETWADLVQPDAQDILDT
LEDNRNWYQSMIPQSHHHHHH
;
_entity_poly.pdbx_strand_id   A
#
# COMPACT_ATOMS: atom_id res chain seq x y z
N THR A 79 -18.80 5.32 -22.62
CA THR A 79 -19.40 5.53 -21.31
C THR A 79 -18.37 6.05 -20.34
N SER A 80 -17.11 5.71 -20.65
CA SER A 80 -15.93 6.07 -19.89
C SER A 80 -15.67 5.00 -18.85
N ILE A 81 -16.71 4.27 -18.53
CA ILE A 81 -16.57 3.20 -17.62
C ILE A 81 -15.68 2.17 -18.28
N SER A 82 -15.66 2.15 -19.60
CA SER A 82 -14.82 1.22 -20.30
C SER A 82 -13.45 1.81 -20.50
N ARG A 83 -13.36 3.12 -20.50
CA ARG A 83 -12.08 3.73 -20.68
C ARG A 83 -11.38 3.75 -19.35
N PHE A 84 -12.10 4.10 -18.31
CA PHE A 84 -11.49 4.22 -17.02
C PHE A 84 -11.97 3.34 -15.89
N GLY A 85 -13.04 2.60 -16.06
CA GLY A 85 -13.52 1.76 -15.00
C GLY A 85 -14.48 2.46 -14.10
N VAL A 86 -14.61 3.77 -14.23
CA VAL A 86 -15.54 4.51 -13.43
C VAL A 86 -16.23 5.48 -14.31
N ASN A 87 -17.34 5.98 -13.83
CA ASN A 87 -18.08 6.93 -14.59
C ASN A 87 -17.80 8.31 -14.11
N THR A 88 -17.27 9.14 -14.96
CA THR A 88 -16.99 10.50 -14.57
C THR A 88 -17.14 11.43 -15.76
N GLU A 89 -17.70 12.60 -15.54
CA GLU A 89 -17.83 13.56 -16.64
C GLU A 89 -16.45 14.13 -17.06
N ASN A 90 -15.46 14.07 -16.15
CA ASN A 90 -14.12 14.59 -16.39
C ASN A 90 -13.13 13.63 -17.02
N GLU A 91 -13.62 12.84 -17.97
CA GLU A 91 -12.75 11.95 -18.75
C GLU A 91 -11.42 12.60 -19.05
N ASP A 92 -11.47 13.81 -19.58
CA ASP A 92 -10.28 14.49 -20.06
C ASP A 92 -9.28 14.73 -18.93
N HIS A 93 -9.73 15.33 -17.83
CA HIS A 93 -8.82 15.61 -16.70
C HIS A 93 -8.24 14.33 -16.09
N LEU A 94 -9.11 13.33 -15.92
CA LEU A 94 -8.71 12.03 -15.39
C LEU A 94 -7.61 11.44 -16.24
N ALA A 95 -7.78 11.46 -17.55
CA ALA A 95 -6.76 10.92 -18.46
C ALA A 95 -5.44 11.65 -18.34
N LYS A 96 -5.52 12.94 -18.05
CA LYS A 96 -4.33 13.74 -17.89
C LYS A 96 -3.57 13.25 -16.66
N GLU A 97 -4.26 13.13 -15.53
CA GLU A 97 -3.61 12.63 -14.30
C GLU A 97 -2.99 11.23 -14.54
N LEU A 98 -3.73 10.35 -15.20
CA LEU A 98 -3.25 8.98 -15.48
C LEU A 98 -2.07 8.88 -16.42
N GLU A 99 -1.78 9.94 -17.18
CA GLU A 99 -0.52 9.95 -17.92
C GLU A 99 0.66 9.62 -17.01
N ASP A 100 0.58 9.89 -15.69
CA ASP A 100 1.67 9.53 -14.73
C ASP A 100 1.50 8.20 -13.94
N LEU A 101 0.68 7.30 -14.45
CA LEU A 101 0.47 5.99 -13.88
C LEU A 101 1.77 5.28 -13.51
N ASN A 102 2.76 5.33 -14.40
CA ASN A 102 4.06 4.65 -14.21
C ASN A 102 5.14 5.47 -13.54
N LYS A 103 4.73 6.55 -12.88
CA LYS A 103 5.62 7.48 -12.20
C LYS A 103 5.31 7.58 -10.71
N TRP A 104 6.38 7.77 -9.94
CA TRP A 104 6.30 8.08 -8.50
C TRP A 104 5.52 9.39 -8.24
N GLY A 105 5.61 10.35 -9.16
CA GLY A 105 4.96 11.64 -9.01
C GLY A 105 3.49 11.67 -9.41
N LEU A 106 2.84 10.53 -9.61
CA LEU A 106 1.40 10.53 -9.77
C LEU A 106 0.71 11.19 -8.57
N ASN A 107 -0.38 11.92 -8.83
CA ASN A 107 -1.22 12.55 -7.81
C ASN A 107 -2.56 11.87 -7.63
N ILE A 108 -2.59 10.95 -6.69
CA ILE A 108 -3.75 10.14 -6.48
C ILE A 108 -4.90 10.97 -5.91
N PHE A 109 -4.61 12.09 -5.26
CA PHE A 109 -5.70 12.99 -4.77
C PHE A 109 -6.50 13.58 -5.92
N ASN A 110 -5.78 14.00 -6.94
CA ASN A 110 -6.40 14.49 -8.14
C ASN A 110 -7.20 13.41 -8.83
N VAL A 111 -6.64 12.19 -8.87
CA VAL A 111 -7.33 11.04 -9.45
C VAL A 111 -8.65 10.78 -8.73
N ALA A 112 -8.63 10.91 -7.42
CA ALA A 112 -9.85 10.79 -6.66
C ALA A 112 -10.83 11.88 -7.07
N GLY A 113 -10.35 13.11 -7.18
CA GLY A 113 -11.20 14.20 -7.62
C GLY A 113 -11.96 13.86 -8.90
N TYR A 114 -11.24 13.41 -9.91
CA TYR A 114 -11.83 13.24 -11.21
C TYR A 114 -12.38 11.86 -11.48
N SER A 115 -12.49 11.03 -10.44
CA SER A 115 -13.06 9.67 -10.56
C SER A 115 -14.33 9.56 -9.69
N HIS A 116 -14.93 10.71 -9.37
CA HIS A 116 -16.03 10.76 -8.43
C HIS A 116 -15.67 9.98 -7.16
N ASN A 117 -14.46 10.22 -6.69
CA ASN A 117 -13.96 9.65 -5.44
C ASN A 117 -13.92 8.09 -5.39
N ARG A 118 -13.39 7.52 -6.46
CA ARG A 118 -13.23 6.07 -6.64
C ARG A 118 -11.80 5.80 -7.09
N PRO A 119 -10.81 6.38 -6.41
CA PRO A 119 -9.42 6.22 -6.88
C PRO A 119 -8.96 4.76 -6.96
N LEU A 120 -9.40 3.90 -6.05
CA LEU A 120 -8.95 2.52 -6.10
C LEU A 120 -9.38 1.77 -7.37
N THR A 121 -10.68 1.72 -7.62
CA THR A 121 -11.23 1.12 -8.85
C THR A 121 -10.51 1.66 -10.07
N CYS A 122 -10.42 2.96 -10.14
CA CYS A 122 -9.77 3.64 -11.24
C CYS A 122 -8.30 3.27 -11.44
N ILE A 123 -7.51 3.37 -10.40
CA ILE A 123 -6.09 3.12 -10.56
C ILE A 123 -5.79 1.65 -10.87
N MET A 124 -6.64 0.77 -10.34
CA MET A 124 -6.42 -0.65 -10.49
C MET A 124 -6.77 -1.01 -11.89
N TYR A 125 -7.83 -0.40 -12.38
CA TYR A 125 -8.22 -0.55 -13.76
C TYR A 125 -7.09 -0.10 -14.68
N ALA A 126 -6.58 1.08 -14.41
CA ALA A 126 -5.49 1.60 -15.22
C ALA A 126 -4.25 0.69 -15.18
N ILE A 127 -3.89 0.25 -13.99
CA ILE A 127 -2.71 -0.62 -13.81
C ILE A 127 -2.89 -1.95 -14.53
N PHE A 128 -4.10 -2.53 -14.42
CA PHE A 128 -4.40 -3.76 -15.15
C PHE A 128 -4.35 -3.64 -16.68
N GLN A 129 -4.84 -2.52 -17.21
CA GLN A 129 -4.71 -2.23 -18.64
C GLN A 129 -3.24 -2.06 -19.02
N GLU A 130 -2.50 -1.23 -18.29
CA GLU A 130 -1.08 -0.98 -18.63
C GLU A 130 -0.27 -2.27 -18.62
N ARG A 131 -0.58 -3.18 -17.71
CA ARG A 131 0.15 -4.41 -17.59
C ARG A 131 -0.43 -5.62 -18.33
N ASP A 132 -1.62 -5.49 -18.94
CA ASP A 132 -2.19 -6.53 -19.85
C ASP A 132 -2.75 -7.77 -19.10
N LEU A 133 -3.16 -7.53 -17.86
CA LEU A 133 -3.38 -8.59 -16.89
C LEU A 133 -4.74 -9.19 -17.01
N LEU A 134 -5.70 -8.42 -17.51
CA LEU A 134 -7.04 -8.95 -17.81
C LEU A 134 -6.94 -9.93 -18.95
N LYS A 135 -6.23 -9.54 -20.02
CA LYS A 135 -5.98 -10.47 -21.13
C LYS A 135 -5.27 -11.75 -20.58
N THR A 136 -4.14 -11.56 -19.90
CA THR A 136 -3.27 -12.65 -19.45
C THR A 136 -3.93 -13.69 -18.54
N PHE A 137 -4.81 -13.24 -17.63
CA PHE A 137 -5.54 -14.11 -16.70
C PHE A 137 -7.01 -14.25 -17.03
N ARG A 138 -7.43 -13.66 -18.16
CA ARG A 138 -8.76 -13.87 -18.72
C ARG A 138 -9.77 -13.41 -17.69
N ILE A 139 -9.74 -12.12 -17.41
CA ILE A 139 -10.67 -11.53 -16.48
C ILE A 139 -11.46 -10.56 -17.30
N SER A 140 -12.78 -10.71 -17.28
CA SER A 140 -13.62 -9.78 -17.99
C SER A 140 -13.62 -8.47 -17.22
N SER A 141 -13.75 -7.38 -17.94
CA SER A 141 -13.90 -6.09 -17.30
C SER A 141 -15.05 -6.08 -16.36
N ASP A 142 -16.17 -6.72 -16.74
CA ASP A 142 -17.38 -6.83 -15.88
C ASP A 142 -16.92 -7.23 -14.52
N THR A 143 -16.30 -8.42 -14.46
CA THR A 143 -15.89 -9.06 -13.23
C THR A 143 -14.93 -8.14 -12.46
N PHE A 144 -13.93 -7.61 -13.18
CA PHE A 144 -12.93 -6.72 -12.58
C PHE A 144 -13.53 -5.48 -11.95
N ILE A 145 -14.33 -4.78 -12.71
CA ILE A 145 -14.95 -3.58 -12.18
C ILE A 145 -15.93 -3.91 -11.06
N THR A 146 -16.61 -5.05 -11.12
CA THR A 146 -17.54 -5.34 -10.06
C THR A 146 -16.78 -5.63 -8.76
N TYR A 147 -15.74 -6.46 -8.82
CA TYR A 147 -14.94 -6.71 -7.63
C TYR A 147 -14.36 -5.42 -7.04
N MET A 148 -13.77 -4.58 -7.89
CA MET A 148 -13.10 -3.37 -7.42
C MET A 148 -14.01 -2.35 -6.77
N MET A 149 -15.19 -2.21 -7.33
CA MET A 149 -16.18 -1.33 -6.74
C MET A 149 -16.71 -1.87 -5.41
N THR A 150 -16.89 -3.17 -5.31
CA THR A 150 -17.22 -3.75 -4.02
C THR A 150 -16.08 -3.59 -2.98
N LEU A 151 -14.86 -3.82 -3.47
CA LEU A 151 -13.67 -3.73 -2.66
C LEU A 151 -13.60 -2.32 -2.15
N GLU A 152 -13.72 -1.34 -3.06
CA GLU A 152 -13.68 0.08 -2.67
C GLU A 152 -14.77 0.49 -1.66
N ASP A 153 -15.97 -0.07 -1.78
CA ASP A 153 -17.07 0.24 -0.87
C ASP A 153 -16.81 -0.29 0.52
N HIS A 154 -15.93 -1.30 0.64
CA HIS A 154 -15.54 -1.82 1.97
C HIS A 154 -14.38 -1.08 2.61
N TYR A 155 -13.74 -0.13 1.92
CA TYR A 155 -12.95 0.87 2.64
C TYR A 155 -13.90 1.91 3.21
N HIS A 156 -13.64 2.40 4.41
CA HIS A 156 -14.49 3.38 5.09
C HIS A 156 -14.11 4.81 4.67
N SER A 157 -15.06 5.56 4.11
CA SER A 157 -14.81 6.95 3.65
C SER A 157 -14.64 7.95 4.82
N ASP A 158 -15.25 7.64 5.94
CA ASP A 158 -15.12 8.41 7.18
C ASP A 158 -13.84 8.15 7.99
N VAL A 159 -12.96 7.29 7.50
CA VAL A 159 -11.64 7.09 8.14
C VAL A 159 -10.66 8.01 7.42
N ALA A 160 -9.89 8.77 8.16
CA ALA A 160 -9.12 9.85 7.54
C ALA A 160 -7.96 9.37 6.67
N TYR A 161 -7.26 8.30 7.09
CA TYR A 161 -6.09 7.83 6.35
C TYR A 161 -6.36 6.52 5.72
N HIS A 162 -6.71 5.50 6.51
CA HIS A 162 -6.94 4.15 5.93
C HIS A 162 -8.24 3.94 5.15
N ASN A 163 -8.39 4.74 4.08
CA ASN A 163 -9.53 4.65 3.20
C ASN A 163 -9.02 4.19 1.84
N SER A 164 -9.89 4.08 0.84
CA SER A 164 -9.49 3.67 -0.50
C SER A 164 -8.37 4.47 -1.17
N LEU A 165 -8.17 5.69 -0.75
CA LEU A 165 -7.15 6.55 -1.41
C LEU A 165 -5.76 6.02 -1.05
N HIS A 166 -5.60 5.71 0.22
CA HIS A 166 -4.38 5.14 0.67
C HIS A 166 -4.10 3.82 -0.08
N ALA A 167 -5.10 2.96 -0.16
CA ALA A 167 -4.96 1.69 -0.89
C ALA A 167 -4.62 1.91 -2.34
N ALA A 168 -5.26 2.92 -2.92
CA ALA A 168 -4.99 3.31 -4.29
C ALA A 168 -3.56 3.74 -4.42
N ASP A 169 -3.10 4.61 -3.51
CA ASP A 169 -1.69 5.07 -3.47
C ASP A 169 -0.71 3.90 -3.47
N VAL A 170 -0.98 2.93 -2.58
CA VAL A 170 -0.09 1.81 -2.36
C VAL A 170 -0.03 0.87 -3.57
N ALA A 171 -1.18 0.56 -4.14
CA ALA A 171 -1.26 -0.20 -5.37
C ALA A 171 -0.45 0.48 -6.45
N GLN A 172 -0.69 1.78 -6.66
CA GLN A 172 0.03 2.52 -7.72
C GLN A 172 1.52 2.59 -7.48
N SER A 173 1.89 2.77 -6.21
CA SER A 173 3.31 2.82 -5.84
C SER A 173 3.93 1.47 -6.02
N THR A 174 3.21 0.40 -5.71
CA THR A 174 3.74 -0.96 -5.93
C THR A 174 3.92 -1.25 -7.43
N HIS A 175 2.93 -0.80 -8.21
CA HIS A 175 3.01 -0.85 -9.68
C HIS A 175 4.29 -0.17 -10.17
N VAL A 176 4.63 0.97 -9.60
CA VAL A 176 5.86 1.58 -10.06
C VAL A 176 7.07 0.75 -9.63
N LEU A 177 7.08 0.28 -8.38
CA LEU A 177 8.25 -0.41 -7.86
C LEU A 177 8.55 -1.67 -8.62
N LEU A 178 7.50 -2.38 -9.00
CA LEU A 178 7.64 -3.51 -9.88
C LEU A 178 8.40 -3.29 -11.18
N SER A 179 8.28 -2.10 -11.75
CA SER A 179 9.00 -1.70 -12.96
C SER A 179 10.38 -1.17 -12.74
N THR A 180 10.90 -1.26 -11.53
CA THR A 180 12.27 -0.83 -11.25
C THR A 180 13.18 -1.60 -12.20
N PRO A 181 14.06 -0.90 -12.94
CA PRO A 181 14.81 -1.62 -13.97
C PRO A 181 15.58 -2.81 -13.46
N ALA A 182 16.10 -2.75 -12.25
CA ALA A 182 16.84 -3.90 -11.74
C ALA A 182 15.92 -5.10 -11.36
N LEU A 183 14.59 -4.90 -11.38
CA LEU A 183 13.63 -5.95 -11.06
C LEU A 183 12.68 -6.29 -12.18
N ASP A 184 12.62 -5.49 -13.24
CA ASP A 184 11.46 -5.54 -14.16
C ASP A 184 11.29 -6.93 -14.86
N ALA A 185 12.39 -7.61 -15.14
CA ALA A 185 12.35 -8.91 -15.82
C ALA A 185 12.07 -10.08 -14.88
N VAL A 186 12.09 -9.82 -13.59
CA VAL A 186 12.33 -10.85 -12.60
C VAL A 186 11.11 -11.66 -12.18
N PHE A 187 9.92 -11.07 -12.25
CA PHE A 187 8.75 -11.69 -11.65
C PHE A 187 7.82 -12.17 -12.72
N THR A 188 7.08 -13.21 -12.39
CA THR A 188 6.11 -13.77 -13.28
C THR A 188 4.95 -12.85 -13.24
N ASP A 189 4.04 -13.04 -14.18
CA ASP A 189 2.84 -12.25 -14.19
C ASP A 189 2.00 -12.57 -12.98
N LEU A 190 2.09 -13.82 -12.51
CA LEU A 190 1.33 -14.24 -11.36
C LEU A 190 1.84 -13.53 -10.12
N GLU A 191 3.15 -13.39 -10.01
CA GLU A 191 3.76 -12.59 -8.95
C GLU A 191 3.36 -11.10 -9.03
N ILE A 192 3.29 -10.57 -10.23
CA ILE A 192 2.89 -9.20 -10.44
C ILE A 192 1.42 -9.04 -10.06
N LEU A 193 0.62 -10.01 -10.45
CA LEU A 193 -0.77 -9.99 -10.10
C LEU A 193 -0.92 -9.98 -8.59
N ALA A 194 -0.14 -10.82 -7.90
CA ALA A 194 -0.35 -11.00 -6.46
C ALA A 194 0.00 -9.76 -5.67
N ALA A 195 1.15 -9.18 -5.98
CA ALA A 195 1.58 -7.97 -5.30
C ALA A 195 0.56 -6.86 -5.46
N ILE A 196 0.09 -6.66 -6.68
CA ILE A 196 -0.82 -5.53 -6.89
C ILE A 196 -2.16 -5.77 -6.29
N PHE A 197 -2.64 -7.01 -6.35
CA PHE A 197 -3.89 -7.36 -5.63
C PHE A 197 -3.74 -7.20 -4.11
N ALA A 198 -2.57 -7.59 -3.58
CA ALA A 198 -2.31 -7.45 -2.16
C ALA A 198 -2.38 -6.00 -1.73
N ALA A 199 -1.68 -5.14 -2.46
CA ALA A 199 -1.74 -3.68 -2.25
C ALA A 199 -3.17 -3.13 -2.19
N ALA A 200 -3.98 -3.57 -3.15
CA ALA A 200 -5.34 -3.10 -3.25
C ALA A 200 -6.10 -3.52 -2.02
N ILE A 201 -5.91 -4.76 -1.57
CA ILE A 201 -6.76 -5.25 -0.48
C ILE A 201 -6.22 -4.95 0.94
N HIS A 202 -4.96 -4.53 1.05
CA HIS A 202 -4.20 -4.70 2.29
C HIS A 202 -4.69 -3.96 3.52
N ASP A 203 -5.55 -2.95 3.32
CA ASP A 203 -6.20 -2.24 4.45
C ASP A 203 -7.74 -2.26 4.37
N VAL A 204 -8.35 -3.13 3.56
CA VAL A 204 -9.83 -3.06 3.39
C VAL A 204 -10.55 -3.30 4.72
N ASP A 205 -11.66 -2.58 4.92
CA ASP A 205 -12.44 -2.56 6.15
C ASP A 205 -11.69 -2.17 7.40
N HIS A 206 -10.73 -1.26 7.22
CA HIS A 206 -10.02 -0.68 8.37
C HIS A 206 -10.98 0.30 9.09
N PRO A 207 -11.09 0.20 10.41
CA PRO A 207 -11.94 1.06 11.22
C PRO A 207 -11.30 2.36 11.76
N GLY A 208 -10.00 2.52 11.66
CA GLY A 208 -9.33 3.81 11.88
C GLY A 208 -8.62 3.81 13.22
N VAL A 209 -8.43 2.62 13.79
CA VAL A 209 -7.81 2.44 15.08
C VAL A 209 -6.81 1.29 14.96
N SER A 210 -5.80 1.28 15.84
CA SER A 210 -4.72 0.29 15.77
C SER A 210 -5.18 -1.05 16.28
N ASN A 211 -4.43 -2.08 15.88
CA ASN A 211 -4.50 -3.41 16.50
C ASN A 211 -4.56 -3.29 18.00
N GLN A 212 -3.61 -2.56 18.60
CA GLN A 212 -3.57 -2.46 20.06
C GLN A 212 -4.85 -1.90 20.72
N PHE A 213 -5.42 -0.85 20.12
CA PHE A 213 -6.68 -0.31 20.58
C PHE A 213 -7.74 -1.38 20.52
N LEU A 214 -7.72 -2.14 19.43
CA LEU A 214 -8.68 -3.23 19.24
C LEU A 214 -8.56 -4.34 20.26
N ILE A 215 -7.34 -4.58 20.71
CA ILE A 215 -7.09 -5.63 21.69
C ILE A 215 -7.54 -5.14 23.07
N ASN A 216 -7.14 -3.92 23.39
CA ASN A 216 -7.51 -3.29 24.68
C ASN A 216 -8.99 -3.02 24.85
N THR A 217 -9.78 -2.94 23.78
CA THR A 217 -11.21 -2.71 23.93
C THR A 217 -11.99 -4.03 23.77
N ASN A 218 -11.31 -5.18 23.81
CA ASN A 218 -12.00 -6.47 23.69
C ASN A 218 -12.94 -6.51 22.51
N SER A 219 -12.50 -5.94 21.39
CA SER A 219 -13.35 -5.81 20.22
C SER A 219 -13.58 -7.16 19.56
N GLU A 220 -14.63 -7.23 18.75
CA GLU A 220 -15.01 -8.46 18.07
C GLU A 220 -13.90 -9.05 17.19
N LEU A 221 -13.23 -8.16 16.43
CA LEU A 221 -12.13 -8.60 15.57
C LEU A 221 -10.96 -9.21 16.34
N ALA A 222 -10.57 -8.60 17.46
CA ALA A 222 -9.53 -9.14 18.31
C ALA A 222 -9.92 -10.49 18.90
N LEU A 223 -11.20 -10.64 19.19
CA LEU A 223 -11.71 -11.92 19.68
C LEU A 223 -11.63 -12.93 18.56
N MET A 224 -12.03 -12.54 17.37
CA MET A 224 -11.99 -13.42 16.24
C MET A 224 -10.58 -13.90 15.89
N TYR A 225 -9.58 -13.05 16.10
CA TYR A 225 -8.17 -13.33 15.67
C TYR A 225 -7.15 -13.53 16.80
N ASN A 226 -7.60 -13.64 18.05
CA ASN A 226 -6.71 -14.02 19.15
C ASN A 226 -5.51 -13.06 19.28
N ASP A 227 -5.83 -11.77 19.12
CA ASP A 227 -4.90 -10.68 19.33
C ASP A 227 -3.68 -10.69 18.41
N GLU A 228 -3.71 -11.42 17.30
CA GLU A 228 -2.53 -11.56 16.45
C GLU A 228 -2.83 -11.00 15.06
N SER A 229 -2.01 -10.06 14.58
CA SER A 229 -2.25 -9.34 13.33
C SER A 229 -3.74 -9.19 13.03
N VAL A 230 -4.43 -8.59 13.97
CA VAL A 230 -5.87 -8.62 13.99
C VAL A 230 -6.44 -8.00 12.71
N LEU A 231 -6.02 -6.77 12.40
CA LEU A 231 -6.46 -6.11 11.16
C LEU A 231 -5.98 -6.79 9.89
N GLU A 232 -4.70 -7.12 9.87
CA GLU A 232 -4.11 -7.62 8.63
C GLU A 232 -4.78 -8.93 8.23
N ASN A 233 -5.06 -9.79 9.22
CA ASN A 233 -5.93 -10.97 9.00
C ASN A 233 -7.32 -10.67 8.50
N HIS A 234 -7.95 -9.68 9.10
CA HIS A 234 -9.29 -9.27 8.67
C HIS A 234 -9.27 -8.74 7.25
N HIS A 235 -8.23 -7.99 6.89
CA HIS A 235 -8.13 -7.43 5.51
C HIS A 235 -8.11 -8.53 4.45
N LEU A 236 -7.28 -9.54 4.71
CA LEU A 236 -7.19 -10.68 3.81
C LEU A 236 -8.57 -11.36 3.72
N ALA A 237 -9.18 -11.61 4.88
CA ALA A 237 -10.46 -12.33 4.94
C ALA A 237 -11.47 -11.64 4.07
N VAL A 238 -11.71 -10.37 4.38
CA VAL A 238 -12.64 -9.54 3.60
C VAL A 238 -12.29 -9.56 2.10
N GLY A 239 -11.03 -9.40 1.76
CA GLY A 239 -10.63 -9.35 0.37
C GLY A 239 -10.83 -10.63 -0.39
N PHE A 240 -10.63 -11.76 0.27
CA PHE A 240 -10.80 -13.05 -0.42
C PHE A 240 -12.27 -13.37 -0.43
N LYS A 241 -12.97 -13.07 0.67
CA LYS A 241 -14.43 -13.26 0.79
C LYS A 241 -15.23 -12.56 -0.31
N LEU A 242 -14.81 -11.33 -0.65
CA LEU A 242 -15.51 -10.57 -1.68
C LEU A 242 -15.43 -11.18 -3.07
N LEU A 243 -14.50 -12.11 -3.30
CA LEU A 243 -14.47 -12.88 -4.57
C LEU A 243 -15.69 -13.76 -4.82
N GLN A 244 -16.46 -14.03 -3.78
CA GLN A 244 -17.60 -14.92 -3.84
C GLN A 244 -18.89 -14.22 -4.17
N GLU A 245 -18.94 -12.90 -4.08
CA GLU A 245 -20.13 -12.17 -4.49
C GLU A 245 -20.42 -12.34 -5.99
N GLU A 246 -21.67 -12.09 -6.33
CA GLU A 246 -22.16 -12.08 -7.71
C GLU A 246 -21.20 -11.40 -8.68
N HIS A 247 -20.68 -12.16 -9.65
CA HIS A 247 -19.81 -11.63 -10.74
C HIS A 247 -18.56 -10.91 -10.23
N CYS A 248 -18.00 -11.40 -9.12
CA CYS A 248 -16.81 -10.82 -8.49
C CYS A 248 -15.58 -11.73 -8.52
N ASP A 249 -15.69 -12.94 -9.05
CA ASP A 249 -14.56 -13.85 -9.00
C ASP A 249 -13.55 -13.57 -10.11
N ILE A 250 -12.62 -12.68 -9.81
CA ILE A 250 -11.59 -12.32 -10.76
C ILE A 250 -10.58 -13.41 -10.97
N PHE A 251 -10.60 -14.44 -10.15
CA PHE A 251 -9.59 -15.48 -10.32
C PHE A 251 -10.15 -16.77 -10.92
N MET A 252 -11.37 -16.71 -11.50
CA MET A 252 -12.07 -17.89 -12.03
C MET A 252 -11.25 -18.68 -13.04
N ASN A 253 -10.56 -17.99 -13.93
CA ASN A 253 -9.84 -18.63 -15.04
C ASN A 253 -8.37 -18.86 -14.81
N LEU A 254 -7.90 -18.73 -13.58
CA LEU A 254 -6.60 -19.28 -13.21
C LEU A 254 -6.77 -20.77 -12.98
N THR A 255 -5.69 -21.49 -13.14
CA THR A 255 -5.67 -22.89 -12.75
C THR A 255 -5.76 -22.97 -11.22
N LYS A 256 -6.15 -24.12 -10.69
CA LYS A 256 -6.20 -24.37 -9.25
C LYS A 256 -4.82 -24.11 -8.60
N LYS A 257 -3.77 -24.58 -9.29
CA LYS A 257 -2.41 -24.36 -8.84
C LYS A 257 -2.01 -22.84 -8.87
N GLN A 258 -2.41 -22.14 -9.91
CA GLN A 258 -2.17 -20.71 -9.93
C GLN A 258 -2.84 -19.99 -8.75
N ARG A 259 -4.10 -20.29 -8.51
CA ARG A 259 -4.87 -19.78 -7.39
C ARG A 259 -4.16 -20.03 -6.04
N GLN A 260 -3.75 -21.28 -5.83
CA GLN A 260 -3.09 -21.65 -4.58
C GLN A 260 -1.83 -20.84 -4.41
N THR A 261 -1.04 -20.73 -5.45
CA THR A 261 0.19 -19.93 -5.35
C THR A 261 -0.11 -18.45 -5.10
N LEU A 262 -1.07 -17.91 -5.83
CA LEU A 262 -1.40 -16.53 -5.67
C LEU A 262 -1.84 -16.28 -4.21
N ARG A 263 -2.75 -17.11 -3.74
CA ARG A 263 -3.27 -16.99 -2.42
C ARG A 263 -2.19 -17.00 -1.36
N LYS A 264 -1.23 -17.91 -1.46
CA LYS A 264 -0.15 -17.94 -0.50
C LYS A 264 0.64 -16.61 -0.52
N MET A 265 0.99 -16.16 -1.71
CA MET A 265 1.78 -14.94 -1.87
C MET A 265 1.05 -13.72 -1.32
N VAL A 266 -0.26 -13.65 -1.51
CA VAL A 266 -1.04 -12.50 -1.02
C VAL A 266 -1.10 -12.46 0.50
N ILE A 267 -1.41 -13.59 1.10
CA ILE A 267 -1.42 -13.77 2.56
C ILE A 267 -0.08 -13.30 3.14
N ASP A 268 1.01 -13.80 2.58
CA ASP A 268 2.33 -13.44 3.05
C ASP A 268 2.57 -11.90 2.94
N MET A 269 2.18 -11.31 1.84
CA MET A 269 2.43 -9.88 1.62
C MET A 269 1.60 -8.92 2.52
N VAL A 270 0.33 -9.24 2.66
CA VAL A 270 -0.53 -8.45 3.47
C VAL A 270 -0.17 -8.57 4.96
N LEU A 271 0.13 -9.78 5.45
CA LEU A 271 0.59 -9.95 6.82
C LEU A 271 1.89 -9.22 7.07
N ALA A 272 2.75 -9.17 6.08
CA ALA A 272 3.99 -8.41 6.20
C ALA A 272 3.75 -6.89 6.35
N THR A 273 2.52 -6.39 6.21
CA THR A 273 2.27 -4.97 6.38
C THR A 273 2.09 -4.56 7.84
N ASP A 274 2.00 -5.53 8.74
CA ASP A 274 1.90 -5.30 10.17
C ASP A 274 3.25 -4.72 10.65
N MET A 275 3.25 -3.52 11.22
CA MET A 275 4.50 -2.91 11.65
C MET A 275 5.24 -3.70 12.68
N SER A 276 4.57 -4.62 13.39
CA SER A 276 5.27 -5.47 14.35
C SER A 276 6.23 -6.41 13.63
N LYS A 277 6.06 -6.66 12.34
CA LYS A 277 7.07 -7.41 11.56
C LYS A 277 8.17 -6.53 10.94
N HIS A 278 8.06 -5.22 11.01
CA HIS A 278 8.96 -4.36 10.21
C HIS A 278 10.45 -4.68 10.43
N MET A 279 10.84 -4.83 11.68
CA MET A 279 12.25 -5.06 11.98
C MET A 279 12.71 -6.39 11.38
N SER A 280 11.82 -7.36 11.38
CA SER A 280 12.05 -8.69 10.82
C SER A 280 12.18 -8.71 9.24
N LEU A 281 11.28 -7.99 8.55
CA LEU A 281 11.46 -7.78 7.11
C LEU A 281 12.71 -7.04 6.80
N LEU A 282 13.01 -6.03 7.58
CA LEU A 282 14.16 -5.24 7.26
C LEU A 282 15.41 -6.09 7.38
N ALA A 283 15.51 -6.87 8.46
CA ALA A 283 16.67 -7.76 8.69
C ALA A 283 16.84 -8.65 7.48
N ASP A 284 15.75 -9.29 7.06
CA ASP A 284 15.75 -10.15 5.88
C ASP A 284 16.10 -9.41 4.60
N LEU A 285 15.50 -8.24 4.38
CA LEU A 285 15.88 -7.39 3.24
C LEU A 285 17.39 -7.15 3.23
N LYS A 286 17.94 -6.84 4.39
CA LYS A 286 19.37 -6.60 4.53
C LYS A 286 20.21 -7.78 4.13
N THR A 287 19.74 -9.00 4.37
CA THR A 287 20.54 -10.13 3.95
C THR A 287 20.43 -10.31 2.43
N MET A 288 19.26 -10.08 1.83
CA MET A 288 19.15 -10.02 0.35
C MET A 288 20.24 -9.10 -0.21
N VAL A 289 20.52 -7.99 0.45
CA VAL A 289 21.51 -7.05 -0.02
C VAL A 289 22.91 -7.60 0.15
N GLU A 290 23.21 -8.15 1.31
CA GLU A 290 24.54 -8.71 1.54
C GLU A 290 24.84 -9.91 0.58
N THR A 291 23.80 -10.59 0.10
CA THR A 291 23.92 -11.76 -0.78
C THR A 291 23.43 -11.51 -2.24
N LYS A 292 23.44 -10.27 -2.71
CA LYS A 292 22.74 -9.96 -3.97
C LYS A 292 23.58 -10.42 -5.13
N LYS A 293 22.97 -11.19 -6.01
CA LYS A 293 23.60 -11.60 -7.24
C LYS A 293 22.83 -10.95 -8.34
N VAL A 294 23.56 -10.58 -9.38
CA VAL A 294 22.97 -9.90 -10.49
C VAL A 294 23.27 -10.67 -11.81
N THR A 295 22.38 -10.60 -12.80
CA THR A 295 22.70 -11.16 -14.13
C THR A 295 23.73 -10.29 -14.83
N SER A 296 24.21 -10.77 -15.97
CA SER A 296 25.06 -9.96 -16.83
C SER A 296 24.39 -8.64 -17.26
N SER A 297 23.08 -8.61 -17.42
CA SER A 297 22.42 -7.33 -17.79
C SER A 297 22.25 -6.31 -16.63
N GLY A 298 22.42 -6.75 -15.38
CA GLY A 298 22.14 -5.91 -14.20
C GLY A 298 20.85 -6.26 -13.45
N VAL A 299 20.12 -7.26 -13.92
CA VAL A 299 18.90 -7.64 -13.31
C VAL A 299 19.23 -8.54 -12.13
N LEU A 300 18.60 -8.25 -11.00
CA LEU A 300 18.66 -9.08 -9.83
C LEU A 300 18.35 -10.55 -10.11
N LEU A 301 19.10 -11.44 -9.50
CA LEU A 301 18.87 -12.87 -9.63
C LEU A 301 18.25 -13.44 -8.34
N LEU A 302 17.02 -13.91 -8.44
CA LEU A 302 16.30 -14.44 -7.30
C LEU A 302 15.83 -15.87 -7.61
N ASP A 303 16.67 -16.84 -7.24
CA ASP A 303 16.54 -18.25 -7.65
C ASP A 303 15.31 -19.02 -7.18
N ASN A 304 14.78 -18.70 -6.00
CA ASN A 304 13.74 -19.51 -5.39
C ASN A 304 12.62 -18.69 -4.81
N TYR A 305 11.57 -19.39 -4.46
CA TYR A 305 10.35 -18.76 -4.07
C TYR A 305 10.59 -17.85 -2.85
N THR A 306 11.34 -18.36 -1.89
CA THR A 306 11.60 -17.63 -0.66
C THR A 306 12.24 -16.26 -0.87
N ASP A 307 13.19 -16.18 -1.79
CA ASP A 307 13.87 -14.93 -2.14
C ASP A 307 12.90 -13.99 -2.84
N ARG A 308 12.08 -14.57 -3.69
CA ARG A 308 11.16 -13.79 -4.48
C ARG A 308 10.11 -13.16 -3.60
N ILE A 309 9.50 -13.95 -2.72
CA ILE A 309 8.45 -13.47 -1.84
C ILE A 309 9.00 -12.52 -0.77
N GLN A 310 10.26 -12.72 -0.38
CA GLN A 310 10.90 -11.80 0.50
C GLN A 310 11.03 -10.42 -0.13
N VAL A 311 11.48 -10.34 -1.38
CA VAL A 311 11.59 -9.06 -2.08
C VAL A 311 10.20 -8.39 -2.28
N LEU A 312 9.20 -9.19 -2.65
CA LEU A 312 7.86 -8.67 -2.89
C LEU A 312 7.18 -8.23 -1.61
N ARG A 313 7.32 -9.02 -0.56
CA ARG A 313 6.70 -8.58 0.68
C ARG A 313 7.35 -7.27 1.18
N ASN A 314 8.65 -7.12 1.01
CA ASN A 314 9.29 -5.85 1.33
C ASN A 314 8.88 -4.73 0.41
N MET A 315 8.74 -5.04 -0.87
CA MET A 315 8.23 -4.11 -1.85
C MET A 315 6.88 -3.51 -1.47
N VAL A 316 5.97 -4.37 -1.03
CA VAL A 316 4.62 -3.91 -0.68
C VAL A 316 4.66 -3.07 0.61
N HIS A 317 5.57 -3.48 1.49
CA HIS A 317 5.83 -2.73 2.70
C HIS A 317 6.40 -1.34 2.44
N CYS A 318 7.39 -1.24 1.54
CA CYS A 318 7.95 0.03 1.08
C CYS A 318 6.87 0.94 0.51
N ALA A 319 6.02 0.39 -0.33
CA ALA A 319 4.91 1.13 -0.88
C ALA A 319 4.04 1.65 0.22
N ASP A 320 3.80 0.81 1.22
CA ASP A 320 3.00 1.22 2.37
C ASP A 320 3.67 2.33 3.18
N LEU A 321 4.98 2.38 3.16
CA LEU A 321 5.71 3.39 3.87
C LEU A 321 6.31 4.36 2.91
N SER A 322 5.58 4.74 1.87
CA SER A 322 6.17 5.59 0.83
C SER A 322 5.78 7.03 0.95
N ASN A 323 4.83 7.36 1.80
CA ASN A 323 4.35 8.74 1.83
C ASN A 323 5.49 9.77 1.92
N PRO A 324 6.48 9.52 2.77
CA PRO A 324 7.55 10.50 2.90
C PRO A 324 8.54 10.56 1.76
N THR A 325 8.45 9.67 0.79
CA THR A 325 9.34 9.67 -0.38
C THR A 325 8.71 10.36 -1.59
N LYS A 326 7.45 10.75 -1.45
CA LYS A 326 6.73 11.46 -2.48
C LYS A 326 7.06 12.94 -2.37
N SER A 327 6.67 13.72 -3.37
CA SER A 327 6.88 15.17 -3.32
C SER A 327 6.23 15.74 -2.08
N LEU A 328 6.77 16.86 -1.64
CA LEU A 328 6.37 17.45 -0.37
C LEU A 328 4.87 17.73 -0.31
N GLU A 329 4.34 18.33 -1.37
CA GLU A 329 2.90 18.58 -1.50
C GLU A 329 2.05 17.36 -1.15
N LEU A 330 2.44 16.16 -1.59
CA LEU A 330 1.64 14.96 -1.39
C LEU A 330 1.83 14.47 0.06
N TYR A 331 3.09 14.45 0.47
CA TYR A 331 3.49 14.00 1.81
C TYR A 331 2.76 14.74 2.92
N ARG A 332 2.68 16.06 2.79
CA ARG A 332 2.04 16.86 3.85
C ARG A 332 0.59 16.50 4.03
N GLN A 333 -0.07 16.16 2.94
CA GLN A 333 -1.44 15.73 3.05
C GLN A 333 -1.59 14.38 3.74
N TRP A 334 -0.67 13.47 3.41
CA TRP A 334 -0.63 12.18 4.07
C TRP A 334 -0.37 12.35 5.57
N THR A 335 0.53 13.27 5.89
CA THR A 335 0.78 13.58 7.30
C THR A 335 -0.47 14.11 8.01
N ASP A 336 -1.18 15.07 7.40
CA ASP A 336 -2.43 15.61 7.97
C ASP A 336 -3.44 14.50 8.23
N ARG A 337 -3.57 13.60 7.27
CA ARG A 337 -4.55 12.53 7.38
C ARG A 337 -4.20 11.51 8.42
N ILE A 338 -2.94 11.12 8.52
CA ILE A 338 -2.56 10.10 9.50
C ILE A 338 -2.76 10.63 10.92
N MET A 339 -2.40 11.90 11.12
CA MET A 339 -2.59 12.54 12.43
C MET A 339 -4.05 12.74 12.73
N GLU A 340 -4.83 13.13 11.74
CA GLU A 340 -6.27 13.16 11.95
C GLU A 340 -6.75 11.78 12.47
N GLU A 341 -6.28 10.68 11.87
CA GLU A 341 -6.73 9.36 12.27
C GLU A 341 -6.24 9.03 13.69
N PHE A 342 -5.01 9.41 14.01
CA PHE A 342 -4.48 9.11 15.33
C PHE A 342 -5.28 9.82 16.41
N PHE A 343 -5.52 11.12 16.19
CA PHE A 343 -6.29 11.92 17.12
C PHE A 343 -7.73 11.46 17.26
N GLN A 344 -8.35 10.97 16.19
CA GLN A 344 -9.67 10.35 16.35
C GLN A 344 -9.61 9.16 17.32
N GLN A 345 -8.56 8.36 17.21
CA GLN A 345 -8.34 7.23 18.11
C GLN A 345 -8.14 7.71 19.52
N GLY A 346 -7.33 8.76 19.70
CA GLY A 346 -7.06 9.34 21.03
C GLY A 346 -8.27 9.88 21.75
N ASP A 347 -9.24 10.39 21.00
CA ASP A 347 -10.47 10.94 21.56
C ASP A 347 -11.37 9.82 22.04
N LYS A 348 -11.45 8.74 21.28
CA LYS A 348 -12.09 7.51 21.73
C LYS A 348 -11.41 6.92 22.97
N GLU A 349 -10.10 7.01 23.05
CA GLU A 349 -9.40 6.60 24.27
C GLU A 349 -9.75 7.48 25.46
N ARG A 350 -9.88 8.79 25.22
CA ARG A 350 -10.19 9.75 26.27
C ARG A 350 -11.56 9.46 26.83
N GLU A 351 -12.57 9.43 25.96
CA GLU A 351 -13.96 9.03 26.31
C GLU A 351 -14.03 7.77 27.19
N ARG A 352 -13.31 6.73 26.82
CA ARG A 352 -13.33 5.50 27.59
C ARG A 352 -12.39 5.53 28.81
N GLY A 353 -11.78 6.68 29.10
CA GLY A 353 -10.89 6.79 30.24
C GLY A 353 -9.61 5.98 30.13
N MET A 354 -9.25 5.54 28.92
CA MET A 354 -8.02 4.76 28.74
C MET A 354 -6.86 5.73 28.65
N GLU A 355 -5.68 5.18 28.89
CA GLU A 355 -4.43 5.85 28.58
C GLU A 355 -4.39 6.18 27.08
N ILE A 356 -3.95 7.39 26.73
CA ILE A 356 -3.88 7.82 25.35
C ILE A 356 -2.60 7.23 24.78
N SER A 357 -2.72 6.60 23.61
CA SER A 357 -1.57 5.96 22.98
C SER A 357 -0.63 7.05 22.53
N PRO A 358 0.69 6.79 22.53
CA PRO A 358 1.60 7.83 21.98
C PRO A 358 1.18 8.26 20.57
N MET A 359 1.53 9.49 20.22
CA MET A 359 1.14 10.06 18.94
C MET A 359 -0.34 10.47 18.88
N CYS A 360 -1.20 10.02 19.78
CA CYS A 360 -2.64 10.14 19.54
C CYS A 360 -3.30 11.24 20.33
N ASP A 361 -2.51 12.07 21.02
CA ASP A 361 -3.08 13.15 21.80
C ASP A 361 -2.91 14.48 21.08
N LYS A 362 -4.01 15.02 20.58
CA LYS A 362 -3.97 16.31 19.87
C LYS A 362 -3.41 17.48 20.69
N HIS A 363 -3.55 17.44 22.02
CA HIS A 363 -3.06 18.53 22.88
C HIS A 363 -1.55 18.53 23.04
N THR A 364 -0.88 17.41 22.74
CA THR A 364 0.56 17.29 23.02
C THR A 364 1.48 16.83 21.87
N ALA A 365 0.94 16.41 20.73
CA ALA A 365 1.80 15.90 19.66
C ALA A 365 2.60 17.01 19.00
N SER A 366 3.87 16.73 18.70
CA SER A 366 4.62 17.48 17.69
C SER A 366 4.66 16.67 16.42
N VAL A 367 3.77 17.02 15.52
CA VAL A 367 3.68 16.47 14.17
C VAL A 367 5.05 16.46 13.46
N GLU A 368 5.77 17.56 13.55
CA GLU A 368 7.04 17.72 12.87
C GLU A 368 8.09 16.78 13.40
N LYS A 369 8.31 16.76 14.71
CA LYS A 369 9.28 15.83 15.30
C LYS A 369 8.91 14.38 15.07
N SER A 370 7.60 14.08 15.16
CA SER A 370 7.14 12.75 14.89
C SER A 370 7.48 12.30 13.49
N GLN A 371 7.29 13.18 12.51
CA GLN A 371 7.65 12.79 11.13
C GLN A 371 9.10 12.48 11.04
N VAL A 372 9.93 13.29 11.67
CA VAL A 372 11.36 13.10 11.58
C VAL A 372 11.76 11.81 12.25
N GLY A 373 11.11 11.43 13.35
CA GLY A 373 11.41 10.13 14.02
C GLY A 373 11.01 8.95 13.18
N PHE A 374 9.82 9.09 12.61
CA PHE A 374 9.32 8.12 11.69
C PHE A 374 10.36 7.83 10.64
N ILE A 375 10.92 8.88 10.07
CA ILE A 375 11.90 8.76 9.03
C ILE A 375 13.20 8.22 9.53
N ASP A 376 13.69 8.73 10.65
CA ASP A 376 15.01 8.36 11.08
C ASP A 376 15.04 6.91 11.53
N TYR A 377 13.92 6.42 12.08
CA TYR A 377 13.93 5.08 12.64
C TYR A 377 13.28 4.01 11.80
N ILE A 378 12.37 4.35 10.91
CA ILE A 378 11.60 3.36 10.15
C ILE A 378 11.75 3.55 8.64
N VAL A 379 11.38 4.73 8.13
CA VAL A 379 11.28 4.91 6.66
C VAL A 379 12.63 4.95 5.98
N HIS A 380 13.55 5.73 6.50
CA HIS A 380 14.83 5.88 5.85
C HIS A 380 15.65 4.61 5.90
N PRO A 381 15.77 3.99 7.06
CA PRO A 381 16.51 2.71 7.05
C PRO A 381 15.96 1.69 6.03
N LEU A 382 14.64 1.66 5.88
CA LEU A 382 14.03 0.70 5.01
C LEU A 382 14.35 1.08 3.54
N TRP A 383 14.03 2.31 3.20
CA TRP A 383 14.38 2.84 1.89
C TRP A 383 15.89 2.82 1.57
N GLU A 384 16.78 2.99 2.55
CA GLU A 384 18.22 2.92 2.26
C GLU A 384 18.63 1.51 1.84
N THR A 385 18.06 0.52 2.50
CA THR A 385 18.28 -0.87 2.19
C THR A 385 17.64 -1.31 0.86
N TRP A 386 16.38 -0.91 0.58
CA TRP A 386 15.79 -1.08 -0.76
C TRP A 386 16.68 -0.52 -1.83
N ALA A 387 17.12 0.71 -1.64
CA ALA A 387 17.98 1.38 -2.58
C ALA A 387 19.35 0.68 -2.83
N ASP A 388 19.93 0.08 -1.79
CA ASP A 388 21.13 -0.78 -1.93
C ASP A 388 20.84 -2.02 -2.78
N LEU A 389 19.65 -2.61 -2.60
CA LEU A 389 19.25 -3.75 -3.36
C LEU A 389 19.18 -3.40 -4.84
N VAL A 390 18.52 -2.28 -5.19
CA VAL A 390 18.29 -1.90 -6.55
C VAL A 390 19.27 -0.83 -7.09
N GLN A 391 20.43 -0.71 -6.45
CA GLN A 391 21.38 0.36 -6.70
C GLN A 391 21.66 0.57 -8.20
N PRO A 392 21.50 1.77 -8.78
CA PRO A 392 21.08 3.03 -8.15
C PRO A 392 19.66 3.40 -8.47
N ASP A 393 18.84 2.40 -8.75
CA ASP A 393 17.56 2.67 -9.38
C ASP A 393 16.62 3.44 -8.48
N ALA A 394 16.82 3.44 -7.15
CA ALA A 394 15.99 4.25 -6.21
C ALA A 394 16.65 5.52 -5.66
N GLN A 395 17.72 5.99 -6.30
CA GLN A 395 18.40 7.18 -5.82
C GLN A 395 17.45 8.39 -5.67
N ASP A 396 16.56 8.62 -6.62
CA ASP A 396 15.74 9.81 -6.59
C ASP A 396 14.73 9.82 -5.44
N ILE A 397 14.21 8.64 -5.14
CA ILE A 397 13.35 8.41 -4.00
C ILE A 397 14.09 8.72 -2.68
N LEU A 398 15.30 8.20 -2.57
CA LEU A 398 16.13 8.47 -1.42
C LEU A 398 16.42 9.95 -1.26
N ASP A 399 16.78 10.65 -2.33
CA ASP A 399 17.05 12.10 -2.31
C ASP A 399 15.83 12.93 -1.86
N THR A 400 14.64 12.62 -2.41
CA THR A 400 13.36 13.24 -2.02
C THR A 400 13.04 13.01 -0.52
N LEU A 401 13.27 11.82 -0.03
CA LEU A 401 13.00 11.51 1.39
C LEU A 401 13.90 12.35 2.29
N GLU A 402 15.15 12.48 1.91
CA GLU A 402 16.11 13.28 2.63
C GLU A 402 15.71 14.75 2.58
N ASP A 403 15.28 15.26 1.41
CA ASP A 403 14.80 16.64 1.30
C ASP A 403 13.57 16.90 2.12
N ASN A 404 12.66 15.94 2.14
CA ASN A 404 11.46 16.05 2.98
C ASN A 404 11.72 15.92 4.48
N ARG A 405 12.64 15.04 4.85
CA ARG A 405 13.11 15.00 6.23
C ARG A 405 13.60 16.36 6.68
N ASN A 406 14.43 17.01 5.87
CA ASN A 406 15.00 18.27 6.28
C ASN A 406 13.98 19.40 6.28
N TRP A 407 12.92 19.27 5.50
CA TRP A 407 11.87 20.23 5.59
C TRP A 407 11.14 20.09 6.91
N TYR A 408 10.74 18.86 7.26
CA TYR A 408 10.06 18.68 8.52
C TYR A 408 10.95 19.11 9.72
N GLN A 409 12.25 18.84 9.63
CA GLN A 409 13.22 19.23 10.64
C GLN A 409 13.21 20.73 10.85
N SER A 410 13.32 21.49 9.77
CA SER A 410 13.36 22.94 9.85
C SER A 410 12.12 23.50 10.50
N MET A 411 10.99 22.77 10.45
CA MET A 411 9.73 23.22 11.04
C MET A 411 9.52 22.87 12.52
N ILE A 412 10.50 22.23 13.17
CA ILE A 412 10.36 21.89 14.60
C ILE A 412 10.53 23.18 15.40
N PRO A 413 9.54 23.51 16.27
CA PRO A 413 9.71 24.60 17.27
C PRO A 413 10.94 24.43 18.18
N GLN A 414 11.68 25.50 18.40
CA GLN A 414 12.93 25.42 19.16
C GLN A 414 12.78 25.95 20.61
N SER A 415 13.90 26.15 21.32
CA SER A 415 13.91 26.56 22.75
C SER A 415 13.72 28.06 22.98
#